data_2JFP
#
_entry.id   2JFP
#
_cell.length_a   48.190
_cell.length_b   74.670
_cell.length_c   75.070
_cell.angle_alpha   90.00
_cell.angle_beta   95.97
_cell.angle_gamma   90.00
#
_symmetry.space_group_name_H-M   'P 1 21 1'
#
loop_
_entity.id
_entity.type
_entity.pdbx_description
1 polymer 'GLUTAMATE RACEMASE'
2 non-polymer 'D-GLUTAMIC ACID'
3 non-polymer 'CALCIUM ION'
4 water water
#
_entity_poly.entity_id   1
_entity_poly.type   'polypeptide(L)'
_entity_poly.pdbx_seq_one_letter_code
;MGSSHHHHHHSSGLVPRGSHMSNQEAIGLIDSGVGGLTVLKEALKQLPNERLIYLGDTARCPYGPRPAEQVVQFTWEMAD
FLLKKRIKMLVIACNTATAVALEEIKAALPIPVVGVILPGARAAVKVTKNNKIGVIGTLGTIKSASYEIAIKSKAPAIEV
TSLACPKFVPIVESNQYRSSVAKKIVAETLQALQLKGLDTLILGCTHYPLLRPVIQNVMGSHVTLIDSGAETVGEVSMLL
DYFDIAHTPEAPTQPHEFYTTGSAKMFEEIASSWLGIENLKAQQIHLGGNEND
;
_entity_poly.pdbx_strand_id   A,B
#
# COMPACT_ATOMS: atom_id res chain seq x y z
N SER A 22 -9.71 -3.77 19.65
CA SER A 22 -9.35 -4.80 18.66
C SER A 22 -9.77 -4.39 17.24
N ASN A 23 -10.06 -5.36 16.38
CA ASN A 23 -10.46 -5.09 15.00
C ASN A 23 -11.71 -4.25 14.84
N GLN A 24 -12.58 -4.24 15.86
CA GLN A 24 -13.81 -3.46 15.76
C GLN A 24 -13.65 -2.02 16.23
N GLU A 25 -12.52 -1.70 16.87
CA GLU A 25 -12.32 -0.34 17.34
C GLU A 25 -12.18 0.61 16.15
N ALA A 26 -12.25 1.91 16.42
CA ALA A 26 -12.18 2.90 15.36
C ALA A 26 -10.78 3.33 14.94
N ILE A 27 -10.69 3.85 13.73
CA ILE A 27 -9.44 4.39 13.22
C ILE A 27 -9.55 5.87 13.58
N GLY A 28 -8.56 6.41 14.27
CA GLY A 28 -8.62 7.80 14.65
C GLY A 28 -7.89 8.68 13.66
N LEU A 29 -8.42 9.88 13.42
CA LEU A 29 -7.81 10.84 12.52
C LEU A 29 -7.76 12.20 13.19
N ILE A 30 -6.59 12.84 13.14
CA ILE A 30 -6.42 14.15 13.76
C ILE A 30 -5.91 15.18 12.75
N ASP A 31 -6.26 16.43 12.98
CA ASP A 31 -5.87 17.53 12.11
C ASP A 31 -6.16 18.81 12.86
N SER A 32 -5.69 19.94 12.31
CA SER A 32 -5.90 21.24 12.92
C SER A 32 -7.33 21.76 12.75
N GLY A 33 -8.07 21.16 11.83
CA GLY A 33 -9.44 21.60 11.60
C GLY A 33 -10.23 20.68 10.70
N VAL A 34 -10.75 21.21 9.58
CA VAL A 34 -11.53 20.41 8.64
C VAL A 34 -10.63 19.77 7.58
N GLY A 35 -9.35 20.08 7.61
CA GLY A 35 -8.41 19.53 6.63
C GLY A 35 -8.43 18.01 6.58
N GLY A 36 -8.31 17.38 7.76
CA GLY A 36 -8.32 15.93 7.82
C GLY A 36 -9.51 15.29 7.13
N LEU A 37 -10.57 16.06 6.94
CA LEU A 37 -11.76 15.55 6.29
C LEU A 37 -11.48 15.04 4.88
N THR A 38 -10.40 15.53 4.27
CA THR A 38 -10.07 15.09 2.92
C THR A 38 -9.53 13.66 2.98
N VAL A 39 -9.02 13.27 4.15
CA VAL A 39 -8.55 11.91 4.32
C VAL A 39 -9.78 11.07 4.66
N LEU A 40 -10.62 11.59 5.54
CA LEU A 40 -11.81 10.87 5.95
C LEU A 40 -12.79 10.63 4.80
N LYS A 41 -12.98 11.62 3.95
CA LYS A 41 -13.89 11.45 2.81
C LYS A 41 -13.49 10.27 1.94
N GLU A 42 -12.20 10.17 1.65
CA GLU A 42 -11.70 9.08 0.81
C GLU A 42 -11.79 7.75 1.56
N ALA A 43 -11.68 7.81 2.89
CA ALA A 43 -11.77 6.59 3.68
C ALA A 43 -13.22 6.08 3.68
N LEU A 44 -14.19 7.00 3.65
CA LEU A 44 -15.59 6.59 3.61
C LEU A 44 -15.86 5.81 2.33
N LYS A 45 -15.11 6.15 1.28
CA LYS A 45 -15.23 5.52 -0.02
C LYS A 45 -14.55 4.16 -0.11
N GLN A 46 -13.26 4.10 0.22
CA GLN A 46 -12.49 2.85 0.13
C GLN A 46 -12.67 1.91 1.31
N LEU A 47 -12.99 2.45 2.48
CA LEU A 47 -13.15 1.62 3.68
C LEU A 47 -14.48 1.92 4.36
N PRO A 48 -15.59 1.66 3.67
CA PRO A 48 -16.92 1.91 4.22
C PRO A 48 -17.24 1.17 5.52
N ASN A 49 -16.56 0.06 5.77
CA ASN A 49 -16.83 -0.71 6.98
C ASN A 49 -15.94 -0.43 8.18
N GLU A 50 -15.10 0.60 8.06
CA GLU A 50 -14.24 0.97 9.18
C GLU A 50 -14.89 2.12 9.94
N ARG A 51 -14.88 2.03 11.26
CA ARG A 51 -15.46 3.07 12.11
C ARG A 51 -14.40 4.13 12.27
N LEU A 52 -14.80 5.40 12.14
CA LEU A 52 -13.86 6.51 12.25
C LEU A 52 -14.20 7.49 13.37
N ILE A 53 -13.17 8.07 13.96
CA ILE A 53 -13.32 9.08 15.00
C ILE A 53 -12.37 10.20 14.58
N TYR A 54 -12.94 11.37 14.29
CA TYR A 54 -12.17 12.51 13.82
C TYR A 54 -12.06 13.61 14.87
N LEU A 55 -10.91 14.26 14.91
CA LEU A 55 -10.67 15.35 15.84
C LEU A 55 -9.92 16.47 15.13
N GLY A 56 -10.56 17.63 15.05
CA GLY A 56 -9.95 18.79 14.43
C GLY A 56 -9.75 19.85 15.50
N ASP A 57 -8.50 20.23 15.73
CA ASP A 57 -8.15 21.23 16.74
C ASP A 57 -8.43 22.64 16.22
N THR A 58 -9.67 22.86 15.79
CA THR A 58 -10.08 24.15 15.23
C THR A 58 -9.69 25.37 16.06
N ALA A 59 -9.86 25.29 17.37
CA ALA A 59 -9.53 26.41 18.26
C ALA A 59 -8.08 26.90 18.07
N ARG A 60 -7.18 26.01 17.71
CA ARG A 60 -5.77 26.38 17.52
C ARG A 60 -5.33 26.47 16.07
N CYS A 61 -6.25 26.24 15.14
CA CYS A 61 -5.92 26.31 13.73
C CYS A 61 -5.67 27.80 13.46
N PRO A 62 -4.68 28.13 12.62
CA PRO A 62 -3.77 27.24 11.88
C PRO A 62 -2.51 26.80 12.64
N TYR A 63 -2.06 25.60 12.32
CA TYR A 63 -0.86 25.00 12.90
C TYR A 63 0.30 25.47 12.03
N GLY A 64 -0.03 25.82 10.78
CA GLY A 64 0.96 26.26 9.81
C GLY A 64 2.11 27.15 10.24
N PRO A 65 1.84 28.28 10.91
CA PRO A 65 2.93 29.17 11.33
C PRO A 65 3.51 28.87 12.71
N ARG A 66 2.96 27.88 13.40
CA ARG A 66 3.44 27.55 14.74
C ARG A 66 4.79 26.84 14.77
N PRO A 67 5.53 27.01 15.87
CA PRO A 67 6.84 26.35 16.00
C PRO A 67 6.68 24.84 16.00
N ALA A 68 7.69 24.13 15.51
CA ALA A 68 7.66 22.68 15.45
C ALA A 68 7.32 22.02 16.78
N GLU A 69 8.04 22.39 17.83
CA GLU A 69 7.80 21.78 19.13
C GLU A 69 6.37 22.01 19.63
N GLN A 70 5.75 23.12 19.21
CA GLN A 70 4.39 23.40 19.63
C GLN A 70 3.41 22.50 18.87
N VAL A 71 3.68 22.30 17.59
CA VAL A 71 2.82 21.44 16.77
C VAL A 71 2.91 20.02 17.30
N VAL A 72 4.11 19.61 17.73
CA VAL A 72 4.30 18.28 18.27
C VAL A 72 3.47 18.13 19.56
N GLN A 73 3.52 19.17 20.40
CA GLN A 73 2.76 19.17 21.65
C GLN A 73 1.28 19.02 21.36
N PHE A 74 0.76 19.88 20.50
CA PHE A 74 -0.65 19.87 20.13
C PHE A 74 -1.05 18.56 19.48
N THR A 75 -0.16 17.99 18.68
CA THR A 75 -0.45 16.72 18.01
C THR A 75 -0.56 15.60 19.05
N TRP A 76 0.31 15.63 20.05
CA TRP A 76 0.24 14.61 21.10
C TRP A 76 -1.05 14.78 21.89
N GLU A 77 -1.46 16.02 22.14
CA GLU A 77 -2.70 16.26 22.88
C GLU A 77 -3.87 15.62 22.14
N MET A 78 -3.93 15.81 20.82
CA MET A 78 -5.01 15.23 20.03
C MET A 78 -4.89 13.71 20.02
N ALA A 79 -3.67 13.22 19.90
CA ALA A 79 -3.45 11.78 19.89
C ALA A 79 -3.90 11.18 21.20
N ASP A 80 -3.53 11.83 22.31
CA ASP A 80 -3.92 11.34 23.63
C ASP A 80 -5.44 11.32 23.77
N PHE A 81 -6.10 12.32 23.22
CA PHE A 81 -7.55 12.40 23.29
C PHE A 81 -8.20 11.19 22.62
N LEU A 82 -7.66 10.76 21.48
CA LEU A 82 -8.23 9.61 20.78
C LEU A 82 -7.78 8.28 21.35
N LEU A 83 -6.58 8.23 21.91
CA LEU A 83 -6.09 7.00 22.50
C LEU A 83 -7.04 6.60 23.62
N LYS A 84 -7.61 7.60 24.28
CA LYS A 84 -8.57 7.38 25.36
C LYS A 84 -9.83 6.70 24.79
N LYS A 85 -10.10 6.93 23.52
CA LYS A 85 -11.25 6.36 22.82
C LYS A 85 -10.94 4.97 22.27
N ARG A 86 -9.79 4.44 22.65
CA ARG A 86 -9.34 3.11 22.25
C ARG A 86 -9.15 2.85 20.74
N ILE A 87 -8.74 3.86 19.99
CA ILE A 87 -8.52 3.68 18.55
C ILE A 87 -7.46 2.61 18.28
N LYS A 88 -7.63 1.87 17.19
CA LYS A 88 -6.71 0.78 16.80
C LYS A 88 -5.64 1.25 15.82
N MET A 89 -5.79 2.47 15.33
CA MET A 89 -4.86 3.05 14.36
C MET A 89 -5.04 4.56 14.41
N LEU A 90 -3.94 5.28 14.25
CA LEU A 90 -4.00 6.74 14.27
C LEU A 90 -3.49 7.31 12.96
N VAL A 91 -4.31 8.16 12.35
CA VAL A 91 -3.92 8.80 11.12
C VAL A 91 -3.71 10.28 11.38
N ILE A 92 -2.49 10.75 11.14
CA ILE A 92 -2.18 12.15 11.30
C ILE A 92 -2.54 12.76 9.94
N ALA A 93 -3.83 13.06 9.77
CA ALA A 93 -4.37 13.61 8.53
C ALA A 93 -3.99 15.08 8.42
N CYS A 94 -2.73 15.36 8.69
CA CYS A 94 -2.23 16.72 8.67
C CYS A 94 -0.75 16.72 8.27
N ASN A 95 -0.45 17.35 7.14
CA ASN A 95 0.93 17.43 6.67
C ASN A 95 1.81 18.15 7.68
N THR A 96 1.32 19.28 8.17
CA THR A 96 2.07 20.09 9.14
C THR A 96 2.50 19.27 10.34
N ALA A 97 1.59 18.44 10.87
CA ALA A 97 1.89 17.59 12.02
C ALA A 97 2.69 16.34 11.63
N THR A 98 2.42 15.78 10.45
CA THR A 98 3.14 14.58 10.01
C THR A 98 4.61 14.92 9.85
N ALA A 99 4.88 16.11 9.33
CA ALA A 99 6.24 16.56 9.10
C ALA A 99 7.10 16.59 10.35
N VAL A 100 6.53 17.03 11.47
CA VAL A 100 7.30 17.14 12.70
C VAL A 100 7.03 16.12 13.81
N ALA A 101 5.89 15.44 13.76
CA ALA A 101 5.52 14.49 14.81
C ALA A 101 5.39 13.02 14.45
N LEU A 102 5.28 12.69 13.17
CA LEU A 102 5.13 11.29 12.76
C LEU A 102 6.10 10.29 13.40
N GLU A 103 7.40 10.48 13.19
CA GLU A 103 8.40 9.57 13.73
C GLU A 103 8.30 9.32 15.24
N GLU A 104 8.20 10.40 16.00
CA GLU A 104 8.10 10.30 17.45
C GLU A 104 6.85 9.57 17.93
N ILE A 105 5.71 9.91 17.36
CA ILE A 105 4.46 9.27 17.76
C ILE A 105 4.43 7.81 17.36
N LYS A 106 4.89 7.51 16.14
CA LYS A 106 4.92 6.13 15.65
C LYS A 106 5.78 5.25 16.56
N ALA A 107 6.94 5.77 16.96
CA ALA A 107 7.86 5.03 17.81
C ALA A 107 7.28 4.81 19.21
N ALA A 108 6.47 5.74 19.68
CA ALA A 108 5.89 5.65 21.01
C ALA A 108 4.63 4.79 21.14
N LEU A 109 3.81 4.77 20.10
CA LEU A 109 2.56 4.00 20.18
C LEU A 109 2.60 2.55 19.70
N PRO A 110 1.79 1.70 20.35
CA PRO A 110 1.66 0.27 20.05
C PRO A 110 0.76 0.01 18.85
N ILE A 111 0.04 1.04 18.43
CA ILE A 111 -0.86 0.95 17.28
C ILE A 111 -0.20 1.59 16.06
N PRO A 112 -0.62 1.21 14.85
CA PRO A 112 -0.04 1.80 13.63
C PRO A 112 -0.31 3.30 13.64
N VAL A 113 0.63 4.08 13.12
CA VAL A 113 0.48 5.53 13.05
C VAL A 113 0.80 5.91 11.61
N VAL A 114 -0.17 6.50 10.93
CA VAL A 114 -0.04 6.86 9.51
C VAL A 114 0.04 8.35 9.20
N GLY A 115 1.11 8.74 8.50
CA GLY A 115 1.31 10.12 8.08
C GLY A 115 0.84 10.26 6.64
N VAL A 116 0.63 11.48 6.16
CA VAL A 116 0.12 11.69 4.81
C VAL A 116 1.10 12.19 3.76
N ILE A 117 2.35 12.45 4.16
CA ILE A 117 3.34 12.97 3.22
C ILE A 117 3.92 11.94 2.23
N LEU A 118 4.44 10.83 2.72
CA LEU A 118 5.01 9.82 1.83
C LEU A 118 4.04 9.27 0.79
N PRO A 119 2.76 9.04 1.17
CA PRO A 119 1.81 8.51 0.17
C PRO A 119 1.63 9.50 -0.98
N GLY A 120 1.65 10.79 -0.66
CA GLY A 120 1.49 11.80 -1.69
C GLY A 120 2.75 11.90 -2.54
N ALA A 121 3.90 11.72 -1.90
CA ALA A 121 5.19 11.79 -2.60
C ALA A 121 5.31 10.62 -3.59
N ARG A 122 4.89 9.43 -3.15
CA ARG A 122 4.97 8.28 -4.03
C ARG A 122 4.08 8.49 -5.26
N ALA A 123 2.89 9.01 -5.05
CA ALA A 123 1.93 9.25 -6.13
C ALA A 123 2.40 10.26 -7.16
N ALA A 124 2.95 11.38 -6.69
CA ALA A 124 3.46 12.44 -7.56
C ALA A 124 4.59 11.93 -8.43
N VAL A 125 5.50 11.18 -7.82
CA VAL A 125 6.65 10.62 -8.52
C VAL A 125 6.18 9.71 -9.67
N LYS A 126 5.07 9.02 -9.46
CA LYS A 126 4.54 8.12 -10.48
C LYS A 126 3.85 8.82 -11.65
N VAL A 127 3.19 9.94 -11.38
CA VAL A 127 2.48 10.66 -12.43
C VAL A 127 3.28 11.68 -13.24
N THR A 128 4.36 12.20 -12.68
CA THR A 128 5.14 13.19 -13.40
C THR A 128 5.78 12.63 -14.67
N LYS A 129 5.69 13.41 -15.75
CA LYS A 129 6.26 13.01 -17.04
C LYS A 129 7.46 13.89 -17.37
N ASN A 130 7.38 15.18 -17.03
CA ASN A 130 8.47 16.10 -17.31
C ASN A 130 9.37 16.31 -16.10
N ASN A 131 9.16 15.52 -15.06
CA ASN A 131 9.97 15.62 -13.85
C ASN A 131 9.96 16.99 -13.19
N LYS A 132 8.84 17.68 -13.30
CA LYS A 132 8.70 19.00 -12.69
C LYS A 132 7.51 18.90 -11.74
N ILE A 133 7.82 18.72 -10.45
CA ILE A 133 6.79 18.59 -9.43
C ILE A 133 6.78 19.77 -8.47
N GLY A 134 5.59 20.31 -8.24
CA GLY A 134 5.44 21.41 -7.32
C GLY A 134 4.82 20.86 -6.05
N VAL A 135 4.90 21.62 -4.97
CA VAL A 135 4.35 21.21 -3.69
C VAL A 135 3.88 22.44 -2.93
N ILE A 136 2.60 22.54 -2.64
CA ILE A 136 2.11 23.68 -1.88
C ILE A 136 1.68 23.17 -0.50
N GLY A 137 1.96 23.96 0.52
CA GLY A 137 1.59 23.58 1.87
C GLY A 137 1.75 24.73 2.83
N THR A 138 1.61 24.46 4.12
CA THR A 138 1.74 25.49 5.14
C THR A 138 3.20 25.91 5.25
N LEU A 139 3.45 27.00 5.97
CA LEU A 139 4.80 27.47 6.19
C LEU A 139 5.58 26.37 6.91
N GLY A 140 4.91 25.67 7.81
CA GLY A 140 5.55 24.61 8.57
C GLY A 140 5.97 23.40 7.76
N THR A 141 5.13 22.95 6.85
CA THR A 141 5.45 21.79 6.04
C THR A 141 6.60 22.10 5.09
N ILE A 142 6.56 23.29 4.51
CA ILE A 142 7.61 23.71 3.59
C ILE A 142 8.90 23.93 4.37
N LYS A 143 8.80 24.54 5.55
CA LYS A 143 9.99 24.78 6.36
C LYS A 143 10.69 23.45 6.68
N SER A 144 9.93 22.40 6.96
CA SER A 144 10.49 21.10 7.30
C SER A 144 11.14 20.40 6.09
N ALA A 145 10.77 20.85 4.89
CA ALA A 145 11.28 20.27 3.65
C ALA A 145 10.92 18.80 3.49
N SER A 146 9.92 18.37 4.25
CA SER A 146 9.50 16.97 4.22
C SER A 146 9.24 16.44 2.81
N TYR A 147 8.49 17.19 2.00
CA TYR A 147 8.20 16.73 0.64
C TYR A 147 9.42 16.70 -0.25
N GLU A 148 10.24 17.75 -0.16
CA GLU A 148 11.44 17.81 -0.96
C GLU A 148 12.31 16.61 -0.63
N ILE A 149 12.49 16.37 0.66
CA ILE A 149 13.30 15.25 1.12
C ILE A 149 12.75 13.90 0.66
N ALA A 150 11.44 13.73 0.78
CA ALA A 150 10.79 12.48 0.38
C ALA A 150 10.94 12.23 -1.13
N ILE A 151 10.66 13.25 -1.95
CA ILE A 151 10.78 13.08 -3.39
C ILE A 151 12.22 12.77 -3.80
N LYS A 152 13.18 13.44 -3.17
CA LYS A 152 14.60 13.20 -3.49
C LYS A 152 15.04 11.79 -3.10
N SER A 153 14.46 11.26 -2.02
CA SER A 153 14.80 9.91 -1.55
C SER A 153 14.28 8.84 -2.50
N LYS A 154 13.42 9.26 -3.43
CA LYS A 154 12.85 8.33 -4.38
C LYS A 154 13.40 8.54 -5.79
N ALA A 155 13.39 9.78 -6.25
CA ALA A 155 13.87 10.09 -7.58
C ALA A 155 14.55 11.47 -7.62
N PRO A 156 15.85 11.52 -7.30
CA PRO A 156 16.67 12.74 -7.28
C PRO A 156 16.60 13.61 -8.54
N ALA A 157 16.35 13.00 -9.69
CA ALA A 157 16.29 13.75 -10.95
C ALA A 157 15.10 14.71 -11.01
N ILE A 158 14.07 14.45 -10.22
CA ILE A 158 12.89 15.31 -10.23
C ILE A 158 13.15 16.67 -9.62
N GLU A 159 12.73 17.72 -10.33
CA GLU A 159 12.89 19.09 -9.85
C GLU A 159 11.69 19.44 -9.00
N VAL A 160 11.91 19.69 -7.71
CA VAL A 160 10.83 20.04 -6.80
C VAL A 160 10.74 21.52 -6.47
N THR A 161 9.57 22.10 -6.69
CA THR A 161 9.30 23.51 -6.40
C THR A 161 8.33 23.53 -5.22
N SER A 162 8.76 24.11 -4.11
CA SER A 162 7.91 24.16 -2.93
C SER A 162 7.43 25.58 -2.63
N LEU A 163 6.17 25.70 -2.26
CA LEU A 163 5.57 27.00 -1.96
C LEU A 163 4.60 26.98 -0.78
N ALA A 164 4.82 27.86 0.19
CA ALA A 164 3.95 27.94 1.35
C ALA A 164 2.81 28.87 0.97
N CYS A 165 1.58 28.50 1.34
CA CYS A 165 0.40 29.29 1.02
C CYS A 165 -0.41 29.56 2.28
N PRO A 166 0.11 30.43 3.17
CA PRO A 166 -0.56 30.77 4.44
C PRO A 166 -2.01 31.29 4.36
N LYS A 167 -2.41 31.81 3.20
CA LYS A 167 -3.77 32.33 3.07
C LYS A 167 -4.85 31.31 2.72
N PHE A 168 -4.46 30.08 2.40
CA PHE A 168 -5.43 29.05 2.02
C PHE A 168 -6.26 28.45 3.14
N VAL A 169 -5.62 28.10 4.26
CA VAL A 169 -6.35 27.51 5.37
C VAL A 169 -7.45 28.41 5.93
N PRO A 170 -7.15 29.71 6.14
CA PRO A 170 -8.20 30.60 6.66
C PRO A 170 -9.48 30.64 5.82
N ILE A 171 -9.33 30.69 4.49
CA ILE A 171 -10.51 30.74 3.62
C ILE A 171 -11.26 29.40 3.56
N VAL A 172 -10.58 28.31 3.92
CA VAL A 172 -11.25 27.02 3.96
C VAL A 172 -12.02 26.97 5.27
N GLU A 173 -11.34 27.34 6.35
CA GLU A 173 -11.93 27.36 7.69
C GLU A 173 -13.11 28.32 7.81
N SER A 174 -13.11 29.39 7.02
CA SER A 174 -14.21 30.35 7.07
C SER A 174 -15.35 29.89 6.15
N ASN A 175 -15.18 28.70 5.59
CA ASN A 175 -16.18 28.11 4.71
C ASN A 175 -16.46 28.98 3.47
N GLN A 176 -15.39 29.47 2.84
CA GLN A 176 -15.54 30.32 1.66
C GLN A 176 -14.69 29.76 0.52
N TYR A 177 -14.35 28.48 0.61
CA TYR A 177 -13.51 27.86 -0.41
C TYR A 177 -14.09 27.82 -1.83
N ARG A 178 -15.31 28.31 -1.99
CA ARG A 178 -15.93 28.33 -3.31
C ARG A 178 -16.22 29.76 -3.73
N SER A 179 -15.96 30.70 -2.83
CA SER A 179 -16.21 32.11 -3.09
C SER A 179 -15.23 32.76 -4.06
N SER A 180 -15.54 33.98 -4.45
CA SER A 180 -14.69 34.75 -5.35
C SER A 180 -13.44 35.13 -4.58
N VAL A 181 -13.58 35.34 -3.27
CA VAL A 181 -12.44 35.69 -2.43
C VAL A 181 -11.37 34.60 -2.53
N ALA A 182 -11.80 33.35 -2.56
CA ALA A 182 -10.89 32.22 -2.65
C ALA A 182 -10.21 32.16 -4.02
N LYS A 183 -10.99 32.39 -5.07
CA LYS A 183 -10.46 32.34 -6.42
C LYS A 183 -9.34 33.37 -6.61
N LYS A 184 -9.50 34.54 -6.00
CA LYS A 184 -8.50 35.60 -6.11
C LYS A 184 -7.26 35.25 -5.28
N ILE A 185 -7.48 34.72 -4.09
CA ILE A 185 -6.38 34.34 -3.22
C ILE A 185 -5.52 33.25 -3.87
N VAL A 186 -6.16 32.21 -4.39
CA VAL A 186 -5.44 31.11 -5.03
C VAL A 186 -4.67 31.61 -6.26
N ALA A 187 -5.32 32.42 -7.08
CA ALA A 187 -4.67 32.94 -8.28
C ALA A 187 -3.44 33.78 -7.94
N GLU A 188 -3.57 34.67 -6.97
CA GLU A 188 -2.45 35.52 -6.57
C GLU A 188 -1.30 34.71 -5.98
N THR A 189 -1.64 33.80 -5.07
CA THR A 189 -0.63 32.97 -4.42
C THR A 189 0.13 32.05 -5.37
N LEU A 190 -0.61 31.31 -6.19
CA LEU A 190 0.01 30.38 -7.12
C LEU A 190 0.68 31.00 -8.33
N GLN A 191 0.63 32.32 -8.44
CA GLN A 191 1.26 33.00 -9.56
C GLN A 191 2.75 32.65 -9.59
N ALA A 192 3.31 32.44 -8.41
CA ALA A 192 4.72 32.09 -8.27
C ALA A 192 5.09 30.77 -8.93
N LEU A 193 4.09 29.97 -9.31
CA LEU A 193 4.35 28.68 -9.95
C LEU A 193 4.06 28.66 -11.45
N GLN A 194 3.36 29.68 -11.95
CA GLN A 194 2.96 29.74 -13.36
C GLN A 194 4.04 29.64 -14.43
N LEU A 195 5.24 30.11 -14.12
CA LEU A 195 6.32 30.08 -15.10
C LEU A 195 7.29 28.90 -14.96
N LYS A 196 6.94 27.92 -14.13
CA LYS A 196 7.80 26.76 -13.92
C LYS A 196 7.52 25.63 -14.91
N GLY A 197 6.30 25.58 -15.43
CA GLY A 197 5.95 24.53 -16.37
C GLY A 197 5.79 23.18 -15.69
N LEU A 198 5.30 23.19 -14.46
CA LEU A 198 5.08 21.96 -13.71
C LEU A 198 3.97 21.14 -14.37
N ASP A 199 4.08 19.81 -14.33
CA ASP A 199 3.02 18.97 -14.89
C ASP A 199 2.36 18.24 -13.73
N THR A 200 2.88 18.48 -12.52
CA THR A 200 2.37 17.84 -11.30
C THR A 200 2.45 18.80 -10.10
N LEU A 201 1.35 18.89 -9.33
CA LEU A 201 1.32 19.74 -8.14
C LEU A 201 0.75 18.98 -6.95
N ILE A 202 1.54 18.83 -5.90
CA ILE A 202 1.06 18.13 -4.72
C ILE A 202 0.31 19.11 -3.82
N LEU A 203 -0.87 18.70 -3.38
CA LEU A 203 -1.67 19.50 -2.46
C LEU A 203 -1.16 19.04 -1.09
N GLY A 204 -0.03 19.62 -0.68
CA GLY A 204 0.63 19.26 0.56
C GLY A 204 0.04 19.76 1.86
N CYS A 205 -1.24 20.10 1.83
CA CYS A 205 -1.95 20.53 3.03
C CYS A 205 -3.32 19.92 2.90
N THR A 206 -3.73 19.10 3.86
CA THR A 206 -5.03 18.46 3.75
C THR A 206 -6.23 19.41 3.60
N HIS A 207 -6.03 20.71 3.87
CA HIS A 207 -7.13 21.66 3.69
C HIS A 207 -7.30 22.01 2.20
N TYR A 208 -6.21 21.91 1.44
CA TYR A 208 -6.22 22.30 0.03
C TYR A 208 -7.15 21.57 -0.95
N PRO A 209 -7.45 20.28 -0.72
CA PRO A 209 -8.35 19.63 -1.67
C PRO A 209 -9.74 20.31 -1.70
N LEU A 210 -10.06 21.05 -0.63
CA LEU A 210 -11.35 21.74 -0.60
C LEU A 210 -11.34 22.88 -1.63
N LEU A 211 -10.13 23.28 -2.05
CA LEU A 211 -9.94 24.33 -3.03
C LEU A 211 -9.53 23.74 -4.39
N ARG A 212 -9.53 22.42 -4.49
CA ARG A 212 -9.10 21.75 -5.72
C ARG A 212 -9.64 22.30 -7.04
N PRO A 213 -10.96 22.56 -7.14
CA PRO A 213 -11.47 23.08 -8.41
C PRO A 213 -10.86 24.44 -8.78
N VAL A 214 -10.65 25.27 -7.77
CA VAL A 214 -10.06 26.60 -7.98
C VAL A 214 -8.59 26.43 -8.36
N ILE A 215 -7.87 25.63 -7.58
CA ILE A 215 -6.46 25.37 -7.83
C ILE A 215 -6.28 24.74 -9.21
N GLN A 216 -7.15 23.83 -9.58
CA GLN A 216 -7.04 23.18 -10.90
C GLN A 216 -7.23 24.20 -12.02
N ASN A 217 -8.23 25.05 -11.90
CA ASN A 217 -8.48 26.07 -12.92
C ASN A 217 -7.28 27.00 -13.06
N VAL A 218 -6.73 27.42 -11.93
CA VAL A 218 -5.58 28.33 -11.93
C VAL A 218 -4.32 27.72 -12.51
N MET A 219 -4.07 26.45 -12.20
CA MET A 219 -2.87 25.76 -12.70
C MET A 219 -3.00 25.30 -14.15
N GLY A 220 -4.22 24.99 -14.57
CA GLY A 220 -4.42 24.52 -15.93
C GLY A 220 -4.76 23.04 -15.95
N SER A 221 -5.51 22.63 -16.97
CA SER A 221 -5.93 21.24 -17.11
C SER A 221 -4.78 20.26 -17.32
N HIS A 222 -3.61 20.75 -17.72
CA HIS A 222 -2.49 19.85 -17.97
C HIS A 222 -1.71 19.48 -16.70
N VAL A 223 -2.01 20.16 -15.59
CA VAL A 223 -1.34 19.89 -14.32
C VAL A 223 -2.10 18.85 -13.50
N THR A 224 -1.45 17.74 -13.15
CA THR A 224 -2.08 16.71 -12.35
C THR A 224 -1.93 17.08 -10.87
N LEU A 225 -3.05 17.21 -10.18
CA LEU A 225 -3.03 17.54 -8.76
C LEU A 225 -2.98 16.26 -7.93
N ILE A 226 -2.13 16.25 -6.91
CA ILE A 226 -2.00 15.09 -6.04
C ILE A 226 -2.61 15.37 -4.67
N ASP A 227 -3.63 14.61 -4.31
CA ASP A 227 -4.30 14.77 -3.03
C ASP A 227 -3.60 13.79 -2.07
N SER A 228 -2.62 14.29 -1.32
CA SER A 228 -1.86 13.45 -0.38
C SER A 228 -2.71 12.72 0.63
N GLY A 229 -3.71 13.39 1.18
CA GLY A 229 -4.58 12.76 2.14
C GLY A 229 -5.33 11.59 1.54
N ALA A 230 -5.85 11.78 0.33
CA ALA A 230 -6.60 10.73 -0.33
C ALA A 230 -5.69 9.54 -0.67
N GLU A 231 -4.47 9.84 -1.08
CA GLU A 231 -3.50 8.81 -1.42
C GLU A 231 -3.17 7.93 -0.20
N THR A 232 -3.28 8.50 0.99
CA THR A 232 -2.98 7.78 2.23
C THR A 232 -3.94 6.63 2.52
N VAL A 233 -5.20 6.81 2.15
CA VAL A 233 -6.20 5.77 2.41
C VAL A 233 -5.77 4.43 1.84
N GLY A 234 -5.11 4.46 0.68
CA GLY A 234 -4.61 3.24 0.06
C GLY A 234 -3.63 2.55 0.99
N GLU A 235 -2.81 3.34 1.65
CA GLU A 235 -1.84 2.79 2.60
C GLU A 235 -2.59 2.25 3.79
N VAL A 236 -3.52 3.03 4.33
CA VAL A 236 -4.31 2.59 5.48
C VAL A 236 -4.90 1.21 5.19
N SER A 237 -5.48 1.06 4.01
CA SER A 237 -6.08 -0.20 3.61
C SER A 237 -5.12 -1.37 3.71
N MET A 238 -3.90 -1.18 3.19
CA MET A 238 -2.90 -2.24 3.22
C MET A 238 -2.40 -2.50 4.64
N LEU A 239 -2.31 -1.45 5.45
CA LEU A 239 -1.84 -1.60 6.83
C LEU A 239 -2.83 -2.38 7.67
N LEU A 240 -4.12 -2.25 7.37
CA LEU A 240 -5.14 -2.99 8.11
C LEU A 240 -4.93 -4.48 7.90
N ASP A 241 -4.51 -4.85 6.69
CA ASP A 241 -4.24 -6.24 6.35
C ASP A 241 -2.90 -6.68 6.93
N TYR A 242 -1.88 -5.84 6.78
CA TYR A 242 -0.55 -6.17 7.29
C TYR A 242 -0.58 -6.42 8.79
N PHE A 243 -1.26 -5.54 9.53
CA PHE A 243 -1.36 -5.66 10.97
C PHE A 243 -2.56 -6.50 11.39
N ASP A 244 -3.30 -6.97 10.39
CA ASP A 244 -4.48 -7.80 10.61
C ASP A 244 -5.42 -7.23 11.68
N ILE A 245 -5.89 -6.01 11.45
CA ILE A 245 -6.78 -5.33 12.37
C ILE A 245 -7.97 -4.69 11.63
N ALA A 246 -8.35 -5.27 10.50
CA ALA A 246 -9.47 -4.75 9.73
C ALA A 246 -10.80 -5.05 10.43
N HIS A 247 -11.75 -4.13 10.30
CA HIS A 247 -13.07 -4.28 10.89
C HIS A 247 -13.77 -5.41 10.14
N THR A 248 -14.80 -6.00 10.74
CA THR A 248 -15.54 -7.06 10.04
C THR A 248 -16.14 -6.39 8.80
N PRO A 249 -16.40 -7.15 7.72
CA PRO A 249 -16.96 -6.58 6.49
C PRO A 249 -18.45 -6.25 6.55
N GLU A 250 -18.85 -5.44 7.52
CA GLU A 250 -20.23 -5.01 7.68
C GLU A 250 -20.23 -3.65 8.38
N ALA A 251 -21.28 -2.86 8.17
CA ALA A 251 -21.36 -1.54 8.77
C ALA A 251 -21.15 -1.58 10.29
N PRO A 252 -20.32 -0.69 10.82
CA PRO A 252 -20.06 -0.67 12.27
C PRO A 252 -21.37 -0.42 13.01
N THR A 253 -21.47 -0.97 14.22
CA THR A 253 -22.67 -0.80 15.02
C THR A 253 -22.71 0.55 15.73
N GLN A 254 -21.62 1.31 15.60
CA GLN A 254 -21.52 2.63 16.19
C GLN A 254 -21.20 3.61 15.05
N PRO A 255 -21.80 4.80 15.06
CA PRO A 255 -21.53 5.77 13.99
C PRO A 255 -20.17 6.47 14.10
N HIS A 256 -19.78 7.14 13.04
CA HIS A 256 -18.52 7.88 13.05
C HIS A 256 -18.71 9.02 14.04
N GLU A 257 -17.63 9.49 14.63
CA GLU A 257 -17.71 10.57 15.60
C GLU A 257 -16.83 11.74 15.17
N PHE A 258 -17.37 12.96 15.27
CA PHE A 258 -16.61 14.15 14.89
C PHE A 258 -16.44 15.10 16.05
N TYR A 259 -15.18 15.39 16.37
CA TYR A 259 -14.87 16.30 17.46
C TYR A 259 -14.09 17.51 16.97
N THR A 260 -14.26 18.63 17.68
CA THR A 260 -13.57 19.86 17.36
C THR A 260 -13.40 20.71 18.61
N THR A 261 -12.30 21.44 18.69
CA THR A 261 -12.06 22.30 19.84
C THR A 261 -12.73 23.63 19.60
N GLY A 262 -13.24 23.83 18.39
CA GLY A 262 -13.92 25.07 18.06
C GLY A 262 -15.43 24.89 18.01
N SER A 263 -16.11 25.81 17.32
CA SER A 263 -17.56 25.76 17.17
C SER A 263 -18.05 24.50 16.46
N ALA A 264 -18.91 23.73 17.11
CA ALA A 264 -19.42 22.51 16.50
C ALA A 264 -20.27 22.91 15.29
N LYS A 265 -21.03 23.99 15.46
CA LYS A 265 -21.91 24.50 14.41
C LYS A 265 -21.13 24.82 13.13
N MET A 266 -20.05 25.58 13.25
CA MET A 266 -19.27 25.92 12.07
C MET A 266 -18.68 24.66 11.44
N PHE A 267 -18.16 23.76 12.27
CA PHE A 267 -17.57 22.53 11.78
C PHE A 267 -18.58 21.69 11.01
N GLU A 268 -19.79 21.55 11.56
CA GLU A 268 -20.83 20.76 10.93
C GLU A 268 -21.26 21.33 9.58
N GLU A 269 -21.23 22.65 9.42
CA GLU A 269 -21.65 23.24 8.16
C GLU A 269 -20.67 22.90 7.05
N ILE A 270 -19.38 22.88 7.36
CA ILE A 270 -18.38 22.55 6.36
C ILE A 270 -18.40 21.04 6.11
N ALA A 271 -18.27 20.26 7.18
CA ALA A 271 -18.25 18.81 7.07
C ALA A 271 -19.48 18.24 6.37
N SER A 272 -20.66 18.71 6.75
CA SER A 272 -21.89 18.22 6.14
C SER A 272 -21.88 18.41 4.63
N SER A 273 -21.47 19.59 4.20
CA SER A 273 -21.41 19.91 2.77
C SER A 273 -20.28 19.19 2.02
N TRP A 274 -19.09 19.16 2.61
CA TRP A 274 -17.95 18.52 1.97
C TRP A 274 -18.11 17.01 1.83
N LEU A 275 -18.52 16.37 2.92
CA LEU A 275 -18.70 14.93 2.93
C LEU A 275 -20.02 14.50 2.30
N GLY A 276 -20.94 15.45 2.12
CA GLY A 276 -22.22 15.11 1.56
C GLY A 276 -23.04 14.31 2.57
N ILE A 277 -22.86 14.64 3.84
CA ILE A 277 -23.59 13.96 4.91
C ILE A 277 -24.54 14.95 5.57
N GLU A 278 -25.83 14.84 5.24
CA GLU A 278 -26.83 15.73 5.80
C GLU A 278 -26.95 15.62 7.32
N ASN A 279 -27.07 16.77 7.97
CA ASN A 279 -27.23 16.79 9.42
C ASN A 279 -26.11 16.20 10.25
N LEU A 280 -24.91 16.11 9.67
CA LEU A 280 -23.77 15.57 10.40
C LEU A 280 -23.60 16.41 11.65
N LYS A 281 -23.37 15.75 12.78
CA LYS A 281 -23.20 16.44 14.05
C LYS A 281 -21.80 16.23 14.64
N ALA A 282 -21.26 17.29 15.24
CA ALA A 282 -19.94 17.23 15.86
C ALA A 282 -20.02 17.67 17.32
N GLN A 283 -19.03 17.29 18.11
CA GLN A 283 -19.01 17.65 19.53
C GLN A 283 -17.84 18.57 19.84
N GLN A 284 -18.11 19.67 20.54
CA GLN A 284 -17.05 20.59 20.91
C GLN A 284 -16.41 20.07 22.19
N ILE A 285 -15.10 19.85 22.15
CA ILE A 285 -14.39 19.37 23.32
C ILE A 285 -13.21 20.28 23.63
N HIS A 286 -12.57 20.05 24.77
CA HIS A 286 -11.44 20.88 25.17
C HIS A 286 -10.11 20.11 25.17
N LEU A 287 -9.06 20.79 24.71
CA LEU A 287 -7.72 20.23 24.67
C LEU A 287 -6.78 21.23 25.35
N GLY A 288 -6.11 20.79 26.40
CA GLY A 288 -5.21 21.68 27.12
C GLY A 288 -4.88 21.15 28.51
N GLY A 289 -4.25 21.91 29.29
N SER B 22 19.61 -1.74 8.53
CA SER B 22 20.09 -0.70 7.57
C SER B 22 19.23 -0.65 6.32
N ASN B 23 19.09 0.56 5.79
CA ASN B 23 18.31 0.81 4.58
C ASN B 23 19.02 0.27 3.34
N GLN B 24 20.30 -0.04 3.50
CA GLN B 24 21.10 -0.53 2.37
C GLN B 24 21.15 -2.05 2.28
N GLU B 25 20.61 -2.74 3.28
CA GLU B 25 20.60 -4.20 3.24
C GLU B 25 19.58 -4.66 2.19
N ALA B 26 19.62 -5.94 1.85
CA ALA B 26 18.72 -6.46 0.85
C ALA B 26 17.36 -6.93 1.34
N ILE B 27 16.41 -6.98 0.42
CA ILE B 27 15.08 -7.46 0.69
C ILE B 27 15.21 -8.93 0.30
N GLY B 28 14.84 -9.84 1.19
CA GLY B 28 14.92 -11.25 0.87
C GLY B 28 13.59 -11.81 0.41
N LEU B 29 13.65 -12.77 -0.51
CA LEU B 29 12.43 -13.40 -1.03
C LEU B 29 12.64 -14.90 -1.00
N ILE B 30 11.64 -15.63 -0.51
CA ILE B 30 11.73 -17.07 -0.44
C ILE B 30 10.54 -17.73 -1.10
N ASP B 31 10.79 -18.88 -1.70
CA ASP B 31 9.77 -19.65 -2.41
C ASP B 31 10.30 -21.06 -2.57
N SER B 32 9.41 -21.97 -2.96
CA SER B 32 9.74 -23.37 -3.16
C SER B 32 10.60 -23.60 -4.40
N GLY B 33 10.60 -22.65 -5.33
CA GLY B 33 11.38 -22.82 -6.54
C GLY B 33 11.52 -21.53 -7.33
N VAL B 34 11.06 -21.53 -8.58
CA VAL B 34 11.16 -20.34 -9.43
C VAL B 34 9.94 -19.42 -9.34
N GLY B 35 8.87 -19.89 -8.71
CA GLY B 35 7.66 -19.10 -8.58
C GLY B 35 7.87 -17.70 -7.98
N GLY B 36 8.70 -17.61 -6.95
CA GLY B 36 8.95 -16.32 -6.32
C GLY B 36 9.50 -15.30 -7.29
N LEU B 37 10.02 -15.78 -8.42
CA LEU B 37 10.57 -14.90 -9.43
C LEU B 37 9.50 -13.97 -10.00
N THR B 38 8.23 -14.32 -9.81
CA THR B 38 7.16 -13.48 -10.33
C THR B 38 7.00 -12.26 -9.44
N VAL B 39 7.44 -12.38 -8.18
CA VAL B 39 7.39 -11.24 -7.27
C VAL B 39 8.65 -10.43 -7.58
N LEU B 40 9.80 -11.11 -7.66
CA LEU B 40 11.06 -10.44 -7.93
C LEU B 40 11.05 -9.64 -9.23
N LYS B 41 10.54 -10.23 -10.31
CA LYS B 41 10.50 -9.52 -11.58
C LYS B 41 9.78 -8.17 -11.44
N GLU B 42 8.66 -8.17 -10.75
CA GLU B 42 7.89 -6.94 -10.54
C GLU B 42 8.66 -5.99 -9.63
N ALA B 43 9.44 -6.55 -8.70
CA ALA B 43 10.22 -5.72 -7.80
C ALA B 43 11.34 -5.02 -8.58
N LEU B 44 11.91 -5.70 -9.57
CA LEU B 44 12.96 -5.10 -10.38
C LEU B 44 12.40 -3.91 -11.15
N LYS B 45 11.09 -3.96 -11.43
CA LYS B 45 10.43 -2.90 -12.18
C LYS B 45 10.04 -1.71 -11.30
N GLN B 46 9.36 -1.98 -10.20
CA GLN B 46 8.92 -0.93 -9.30
C GLN B 46 9.97 -0.43 -8.33
N LEU B 47 10.89 -1.30 -7.95
CA LEU B 47 11.93 -0.92 -6.98
C LEU B 47 13.32 -1.21 -7.52
N PRO B 48 13.73 -0.47 -8.55
CA PRO B 48 15.04 -0.62 -9.21
C PRO B 48 16.24 -0.46 -8.27
N ASN B 49 16.09 0.35 -7.23
CA ASN B 49 17.20 0.62 -6.32
C ASN B 49 17.27 -0.26 -5.08
N GLU B 50 16.39 -1.25 -4.98
CA GLU B 50 16.42 -2.15 -3.84
C GLU B 50 17.24 -3.39 -4.21
N ARG B 51 18.11 -3.78 -3.30
CA ARG B 51 18.96 -4.95 -3.49
C ARG B 51 18.13 -6.17 -3.09
N LEU B 52 18.16 -7.22 -3.91
CA LEU B 52 17.36 -8.42 -3.63
C LEU B 52 18.19 -9.69 -3.48
N ILE B 53 17.73 -10.58 -2.60
CA ILE B 53 18.37 -11.87 -2.39
C ILE B 53 17.24 -12.88 -2.47
N TYR B 54 17.34 -13.79 -3.43
CA TYR B 54 16.31 -14.79 -3.68
C TYR B 54 16.76 -16.20 -3.32
N LEU B 55 15.83 -16.99 -2.82
CA LEU B 55 16.09 -18.37 -2.45
C LEU B 55 14.89 -19.23 -2.85
N GLY B 56 15.14 -20.22 -3.70
CA GLY B 56 14.09 -21.13 -4.11
C GLY B 56 14.50 -22.52 -3.65
N ASP B 57 13.65 -23.15 -2.82
CA ASP B 57 13.95 -24.48 -2.28
C ASP B 57 13.61 -25.57 -3.27
N THR B 58 14.14 -25.43 -4.48
CA THR B 58 13.91 -26.36 -5.58
C THR B 58 13.98 -27.85 -5.18
N ALA B 59 14.97 -28.21 -4.36
CA ALA B 59 15.14 -29.60 -3.94
C ALA B 59 13.90 -30.21 -3.28
N ARG B 60 13.13 -29.38 -2.58
CA ARG B 60 11.92 -29.88 -1.91
C ARG B 60 10.64 -29.45 -2.60
N CYS B 61 10.76 -28.78 -3.74
CA CYS B 61 9.60 -28.35 -4.49
C CYS B 61 9.02 -29.64 -5.07
N PRO B 62 7.69 -29.77 -5.11
CA PRO B 62 6.66 -28.84 -4.67
C PRO B 62 6.29 -28.89 -3.19
N TYR B 63 5.88 -27.73 -2.66
CA TYR B 63 5.46 -27.58 -1.28
C TYR B 63 3.96 -27.85 -1.24
N GLY B 64 3.32 -27.66 -2.40
CA GLY B 64 1.89 -27.83 -2.56
C GLY B 64 1.20 -28.99 -1.88
N PRO B 65 1.68 -30.24 -2.05
CA PRO B 65 1.03 -31.38 -1.42
C PRO B 65 1.58 -31.75 -0.05
N ARG B 66 2.47 -30.92 0.48
CA ARG B 66 3.06 -31.22 1.79
C ARG B 66 2.22 -30.75 2.96
N PRO B 67 2.28 -31.48 4.09
CA PRO B 67 1.50 -31.10 5.27
C PRO B 67 1.89 -29.70 5.72
N ALA B 68 0.93 -28.98 6.29
CA ALA B 68 1.17 -27.61 6.74
C ALA B 68 2.37 -27.49 7.67
N GLU B 69 2.47 -28.37 8.66
CA GLU B 69 3.57 -28.29 9.60
C GLU B 69 4.92 -28.44 8.91
N GLN B 70 4.98 -29.23 7.85
CA GLN B 70 6.25 -29.39 7.14
C GLN B 70 6.58 -28.12 6.35
N VAL B 71 5.57 -27.51 5.75
CA VAL B 71 5.77 -26.29 4.98
C VAL B 71 6.25 -25.19 5.93
N VAL B 72 5.70 -25.17 7.13
CA VAL B 72 6.12 -24.17 8.12
C VAL B 72 7.60 -24.38 8.43
N GLN B 73 7.98 -25.63 8.68
CA GLN B 73 9.35 -25.99 8.98
C GLN B 73 10.30 -25.50 7.88
N PHE B 74 10.02 -25.91 6.65
CA PHE B 74 10.85 -25.53 5.51
C PHE B 74 10.91 -24.02 5.31
N THR B 75 9.77 -23.36 5.48
CA THR B 75 9.70 -21.90 5.29
C THR B 75 10.59 -21.21 6.32
N TRP B 76 10.64 -21.75 7.53
CA TRP B 76 11.48 -21.17 8.58
C TRP B 76 12.95 -21.35 8.22
N GLU B 77 13.29 -22.51 7.65
CA GLU B 77 14.66 -22.77 7.26
C GLU B 77 15.10 -21.79 6.17
N MET B 78 14.20 -21.49 5.24
CA MET B 78 14.53 -20.54 4.18
C MET B 78 14.67 -19.14 4.77
N ALA B 79 13.73 -18.76 5.63
CA ALA B 79 13.76 -17.46 6.28
C ALA B 79 15.07 -17.30 7.04
N ASP B 80 15.42 -18.34 7.79
CA ASP B 80 16.65 -18.37 8.60
C ASP B 80 17.86 -18.16 7.70
N PHE B 81 17.88 -18.85 6.57
CA PHE B 81 18.98 -18.74 5.62
C PHE B 81 19.19 -17.30 5.15
N LEU B 82 18.11 -16.58 4.88
CA LEU B 82 18.25 -15.21 4.43
C LEU B 82 18.49 -14.23 5.57
N LEU B 83 17.96 -14.54 6.75
CA LEU B 83 18.19 -13.68 7.91
C LEU B 83 19.69 -13.63 8.17
N LYS B 84 20.36 -14.75 7.90
CA LYS B 84 21.81 -14.83 8.10
C LYS B 84 22.57 -13.92 7.15
N LYS B 85 21.88 -13.46 6.10
CA LYS B 85 22.49 -12.57 5.13
C LYS B 85 22.07 -11.11 5.37
N ARG B 86 21.62 -10.84 6.58
CA ARG B 86 21.22 -9.49 7.02
C ARG B 86 20.10 -8.79 6.27
N ILE B 87 19.10 -9.53 5.80
CA ILE B 87 18.01 -8.87 5.08
C ILE B 87 17.24 -7.93 6.01
N LYS B 88 16.75 -6.82 5.47
CA LYS B 88 16.00 -5.82 6.24
C LYS B 88 14.48 -6.06 6.13
N MET B 89 14.10 -6.99 5.25
CA MET B 89 12.70 -7.32 5.02
C MET B 89 12.64 -8.69 4.35
N LEU B 90 11.65 -9.49 4.74
CA LEU B 90 11.47 -10.82 4.18
C LEU B 90 10.14 -10.93 3.45
N VAL B 91 10.19 -11.35 2.20
CA VAL B 91 8.99 -11.52 1.41
C VAL B 91 8.78 -13.02 1.17
N ILE B 92 7.67 -13.54 1.66
CA ILE B 92 7.36 -14.95 1.46
C ILE B 92 6.60 -14.95 0.13
N ALA B 93 7.38 -15.03 -0.96
CA ALA B 93 6.84 -15.01 -2.32
C ALA B 93 6.30 -16.37 -2.70
N CYS B 94 5.49 -16.92 -1.80
CA CYS B 94 4.90 -18.24 -1.97
C CYS B 94 3.57 -18.26 -1.24
N ASN B 95 2.49 -18.51 -1.99
CA ASN B 95 1.17 -18.56 -1.39
C ASN B 95 1.02 -19.75 -0.43
N THR B 96 1.61 -20.87 -0.80
CA THR B 96 1.55 -22.09 0.02
C THR B 96 2.17 -21.83 1.40
N ALA B 97 3.31 -21.15 1.41
CA ALA B 97 4.00 -20.84 2.66
C ALA B 97 3.33 -19.67 3.39
N THR B 98 2.84 -18.69 2.64
CA THR B 98 2.18 -17.54 3.24
C THR B 98 0.94 -17.99 3.99
N ALA B 99 0.21 -18.92 3.39
CA ALA B 99 -1.01 -19.45 3.96
C ALA B 99 -0.85 -20.03 5.36
N VAL B 100 0.24 -20.75 5.58
CA VAL B 100 0.45 -21.41 6.87
C VAL B 100 1.53 -20.88 7.80
N ALA B 101 2.45 -20.06 7.29
CA ALA B 101 3.55 -19.57 8.13
C ALA B 101 3.70 -18.06 8.31
N LEU B 102 2.99 -17.28 7.51
CA LEU B 102 3.10 -15.83 7.61
C LEU B 102 2.94 -15.28 9.02
N GLU B 103 1.82 -15.58 9.66
CA GLU B 103 1.52 -15.10 11.00
C GLU B 103 2.64 -15.35 12.01
N GLU B 104 3.06 -16.59 12.08
CA GLU B 104 4.11 -17.01 13.00
C GLU B 104 5.45 -16.33 12.74
N ILE B 105 5.89 -16.34 11.50
CA ILE B 105 7.16 -15.72 11.14
C ILE B 105 7.15 -14.22 11.38
N LYS B 106 6.05 -13.55 11.02
CA LYS B 106 5.91 -12.12 11.21
C LYS B 106 5.97 -11.72 12.68
N ALA B 107 5.33 -12.48 13.56
CA ALA B 107 5.34 -12.17 14.98
C ALA B 107 6.71 -12.40 15.60
N ALA B 108 7.47 -13.33 15.04
CA ALA B 108 8.79 -13.66 15.57
C ALA B 108 9.97 -12.82 15.10
N LEU B 109 9.91 -12.28 13.89
CA LEU B 109 11.02 -11.50 13.38
C LEU B 109 10.94 -9.99 13.63
N PRO B 110 12.11 -9.34 13.79
CA PRO B 110 12.24 -7.91 14.05
C PRO B 110 12.13 -7.08 12.77
N ILE B 111 12.05 -7.77 11.63
CA ILE B 111 11.94 -7.10 10.34
C ILE B 111 10.57 -7.34 9.71
N PRO B 112 10.18 -6.47 8.77
CA PRO B 112 8.88 -6.63 8.11
C PRO B 112 8.82 -7.99 7.39
N VAL B 113 7.67 -8.64 7.45
CA VAL B 113 7.47 -9.92 6.78
C VAL B 113 6.22 -9.78 5.90
N VAL B 114 6.41 -9.96 4.59
CA VAL B 114 5.33 -9.77 3.61
C VAL B 114 4.81 -11.03 2.92
N GLY B 115 3.50 -11.26 3.04
CA GLY B 115 2.86 -12.40 2.41
C GLY B 115 2.27 -11.96 1.08
N VAL B 116 1.96 -12.91 0.20
CA VAL B 116 1.42 -12.55 -1.12
C VAL B 116 -0.08 -12.75 -1.30
N ILE B 117 -0.74 -13.29 -0.28
CA ILE B 117 -2.16 -13.58 -0.38
C ILE B 117 -3.08 -12.37 -0.27
N LEU B 118 -2.95 -11.58 0.79
CA LEU B 118 -3.81 -10.42 0.96
C LEU B 118 -3.70 -9.40 -0.18
N PRO B 119 -2.49 -9.14 -0.70
CA PRO B 119 -2.39 -8.16 -1.80
C PRO B 119 -3.18 -8.64 -3.02
N GLY B 120 -3.13 -9.94 -3.25
CA GLY B 120 -3.87 -10.51 -4.37
C GLY B 120 -5.36 -10.44 -4.14
N ALA B 121 -5.78 -10.65 -2.89
CA ALA B 121 -7.20 -10.59 -2.58
C ALA B 121 -7.76 -9.16 -2.72
N ARG B 122 -6.99 -8.18 -2.27
CA ARG B 122 -7.44 -6.79 -2.37
C ARG B 122 -7.60 -6.38 -3.83
N ALA B 123 -6.65 -6.81 -4.68
CA ALA B 123 -6.69 -6.47 -6.09
C ALA B 123 -7.88 -7.11 -6.79
N ALA B 124 -8.13 -8.38 -6.49
CA ALA B 124 -9.23 -9.14 -7.08
C ALA B 124 -10.58 -8.51 -6.74
N VAL B 125 -10.76 -8.20 -5.46
CA VAL B 125 -11.99 -7.57 -4.99
C VAL B 125 -12.29 -6.26 -5.72
N LYS B 126 -11.25 -5.50 -6.04
CA LYS B 126 -11.44 -4.22 -6.71
C LYS B 126 -11.76 -4.35 -8.21
N VAL B 127 -11.29 -5.42 -8.85
CA VAL B 127 -11.52 -5.60 -10.29
C VAL B 127 -12.78 -6.36 -10.69
N THR B 128 -13.33 -7.18 -9.81
CA THR B 128 -14.52 -7.94 -10.19
C THR B 128 -15.75 -7.03 -10.36
N LYS B 129 -16.61 -7.39 -11.31
CA LYS B 129 -17.82 -6.62 -11.59
C LYS B 129 -19.07 -7.44 -11.30
N ASN B 130 -19.00 -8.75 -11.55
CA ASN B 130 -20.14 -9.62 -11.30
C ASN B 130 -19.97 -10.34 -9.98
N ASN B 131 -18.95 -9.96 -9.22
CA ASN B 131 -18.68 -10.56 -7.93
C ASN B 131 -18.51 -12.08 -7.94
N LYS B 132 -17.87 -12.58 -9.00
CA LYS B 132 -17.61 -14.00 -9.12
C LYS B 132 -16.10 -14.14 -9.34
N ILE B 133 -15.38 -14.43 -8.26
CA ILE B 133 -13.94 -14.58 -8.36
C ILE B 133 -13.49 -16.01 -8.17
N GLY B 134 -12.58 -16.44 -9.02
CA GLY B 134 -12.04 -17.77 -8.92
C GLY B 134 -10.61 -17.66 -8.42
N VAL B 135 -10.09 -18.74 -7.85
CA VAL B 135 -8.72 -18.74 -7.38
C VAL B 135 -8.12 -20.11 -7.61
N ILE B 136 -6.95 -20.15 -8.22
CA ILE B 136 -6.27 -21.40 -8.46
C ILE B 136 -4.96 -21.36 -7.70
N GLY B 137 -4.59 -22.50 -7.12
CA GLY B 137 -3.36 -22.56 -6.36
C GLY B 137 -3.02 -24.01 -6.06
N THR B 138 -2.05 -24.21 -5.17
CA THR B 138 -1.64 -25.56 -4.79
C THR B 138 -2.70 -26.18 -3.90
N LEU B 139 -2.59 -27.49 -3.71
CA LEU B 139 -3.50 -28.23 -2.85
C LEU B 139 -3.44 -27.61 -1.46
N GLY B 140 -2.24 -27.22 -1.04
CA GLY B 140 -2.06 -26.63 0.27
C GLY B 140 -2.74 -25.27 0.45
N THR B 141 -2.60 -24.41 -0.54
CA THR B 141 -3.21 -23.08 -0.48
C THR B 141 -4.74 -23.17 -0.42
N ILE B 142 -5.28 -24.01 -1.30
CA ILE B 142 -6.71 -24.20 -1.38
C ILE B 142 -7.22 -24.87 -0.10
N LYS B 143 -6.44 -25.83 0.41
CA LYS B 143 -6.82 -26.52 1.64
C LYS B 143 -6.93 -25.53 2.80
N SER B 144 -6.03 -24.55 2.85
CA SER B 144 -6.05 -23.55 3.92
C SER B 144 -7.20 -22.56 3.80
N ALA B 145 -7.80 -22.49 2.61
CA ALA B 145 -8.91 -21.59 2.34
C ALA B 145 -8.52 -20.13 2.57
N SER B 146 -7.21 -19.87 2.65
CA SER B 146 -6.70 -18.53 2.88
C SER B 146 -7.34 -17.48 1.99
N TYR B 147 -7.45 -17.78 0.68
CA TYR B 147 -8.05 -16.82 -0.25
C TYR B 147 -9.54 -16.64 -0.04
N GLU B 148 -10.24 -17.75 0.18
CA GLU B 148 -11.67 -17.67 0.42
C GLU B 148 -11.92 -16.80 1.65
N ILE B 149 -11.18 -17.08 2.71
CA ILE B 149 -11.33 -16.34 3.96
C ILE B 149 -10.99 -14.85 3.78
N ALA B 150 -9.90 -14.58 3.05
CA ALA B 150 -9.47 -13.21 2.82
C ALA B 150 -10.51 -12.41 2.04
N ILE B 151 -10.97 -12.98 0.92
CA ILE B 151 -11.97 -12.29 0.11
C ILE B 151 -13.27 -12.09 0.89
N LYS B 152 -13.67 -13.08 1.67
CA LYS B 152 -14.90 -12.97 2.45
C LYS B 152 -14.76 -11.94 3.57
N SER B 153 -13.52 -11.67 4.00
CA SER B 153 -13.26 -10.71 5.07
C SER B 153 -13.36 -9.28 4.56
N LYS B 154 -13.48 -9.15 3.24
CA LYS B 154 -13.55 -7.83 2.61
C LYS B 154 -14.91 -7.58 1.95
N ALA B 155 -15.39 -8.55 1.17
CA ALA B 155 -16.66 -8.41 0.48
C ALA B 155 -17.37 -9.76 0.47
N PRO B 156 -18.09 -10.10 1.55
CA PRO B 156 -18.79 -11.38 1.67
C PRO B 156 -19.79 -11.67 0.56
N ALA B 157 -20.22 -10.64 -0.17
CA ALA B 157 -21.16 -10.84 -1.27
C ALA B 157 -20.49 -11.56 -2.43
N ILE B 158 -19.17 -11.48 -2.49
CA ILE B 158 -18.44 -12.12 -3.57
C ILE B 158 -18.40 -13.64 -3.45
N GLU B 159 -18.75 -14.30 -4.54
CA GLU B 159 -18.74 -15.76 -4.60
C GLU B 159 -17.35 -16.21 -5.02
N VAL B 160 -16.69 -16.98 -4.16
CA VAL B 160 -15.36 -17.45 -4.47
C VAL B 160 -15.35 -18.91 -4.91
N THR B 161 -14.69 -19.17 -6.04
CA THR B 161 -14.57 -20.52 -6.58
C THR B 161 -13.08 -20.87 -6.48
N SER B 162 -12.76 -21.89 -5.70
CA SER B 162 -11.37 -22.29 -5.52
C SER B 162 -11.05 -23.60 -6.22
N LEU B 163 -9.83 -23.70 -6.72
CA LEU B 163 -9.40 -24.90 -7.43
C LEU B 163 -7.90 -25.16 -7.32
N ALA B 164 -7.54 -26.37 -6.88
CA ALA B 164 -6.14 -26.74 -6.75
C ALA B 164 -5.68 -27.27 -8.10
N CYS B 165 -4.47 -26.89 -8.52
CA CYS B 165 -3.90 -27.32 -9.80
C CYS B 165 -2.52 -27.95 -9.58
N PRO B 166 -2.49 -29.17 -9.03
CA PRO B 166 -1.25 -29.89 -8.75
C PRO B 166 -0.28 -30.13 -9.92
N LYS B 167 -0.79 -30.15 -11.14
CA LYS B 167 0.05 -30.38 -12.31
C LYS B 167 0.77 -29.14 -12.83
N PHE B 168 0.37 -27.96 -12.37
CA PHE B 168 0.98 -26.72 -12.85
C PHE B 168 2.44 -26.47 -12.45
N VAL B 169 2.76 -26.56 -11.17
CA VAL B 169 4.13 -26.33 -10.71
C VAL B 169 5.18 -27.20 -11.41
N PRO B 170 4.93 -28.50 -11.53
CA PRO B 170 5.90 -29.38 -12.20
C PRO B 170 6.29 -28.95 -13.62
N ILE B 171 5.31 -28.52 -14.42
CA ILE B 171 5.62 -28.11 -15.80
C ILE B 171 6.35 -26.78 -15.87
N VAL B 172 6.25 -25.97 -14.82
CA VAL B 172 6.97 -24.70 -14.79
C VAL B 172 8.42 -25.02 -14.38
N GLU B 173 8.55 -25.83 -13.34
CA GLU B 173 9.86 -26.24 -12.84
C GLU B 173 10.67 -27.00 -13.88
N SER B 174 10.00 -27.76 -14.73
CA SER B 174 10.70 -28.53 -15.76
C SER B 174 10.96 -27.65 -16.98
N ASN B 175 10.69 -26.35 -16.85
CA ASN B 175 10.91 -25.38 -17.93
C ASN B 175 10.10 -25.72 -19.19
N GLN B 176 8.84 -26.08 -19.02
CA GLN B 176 7.98 -26.43 -20.15
C GLN B 176 6.74 -25.54 -20.21
N TYR B 177 6.77 -24.42 -19.50
CA TYR B 177 5.62 -23.53 -19.44
C TYR B 177 5.16 -22.89 -20.75
N ARG B 178 5.93 -23.07 -21.82
CA ARG B 178 5.52 -22.50 -23.10
C ARG B 178 5.32 -23.61 -24.11
N SER B 179 5.50 -24.84 -23.66
CA SER B 179 5.35 -26.00 -24.53
C SER B 179 3.90 -26.32 -24.83
N SER B 180 3.70 -27.32 -25.68
CA SER B 180 2.38 -27.76 -26.08
C SER B 180 1.75 -28.60 -24.97
N VAL B 181 2.58 -29.29 -24.19
CA VAL B 181 2.06 -30.11 -23.11
C VAL B 181 1.41 -29.23 -22.05
N ALA B 182 1.96 -28.03 -21.88
CA ALA B 182 1.43 -27.10 -20.89
C ALA B 182 0.03 -26.65 -21.31
N LYS B 183 -0.18 -26.47 -22.61
CA LYS B 183 -1.48 -26.04 -23.09
C LYS B 183 -2.53 -27.08 -22.75
N LYS B 184 -2.20 -28.35 -22.92
CA LYS B 184 -3.12 -29.45 -22.64
C LYS B 184 -3.47 -29.53 -21.16
N ILE B 185 -2.44 -29.52 -20.33
CA ILE B 185 -2.64 -29.61 -18.89
C ILE B 185 -3.47 -28.46 -18.34
N VAL B 186 -3.17 -27.22 -18.73
CA VAL B 186 -3.93 -26.08 -18.23
C VAL B 186 -5.40 -26.17 -18.66
N ALA B 187 -5.63 -26.50 -19.93
CA ALA B 187 -7.00 -26.60 -20.43
C ALA B 187 -7.75 -27.71 -19.70
N GLU B 188 -7.14 -28.87 -19.56
CA GLU B 188 -7.79 -29.98 -18.89
C GLU B 188 -8.09 -29.62 -17.44
N THR B 189 -7.09 -29.09 -16.74
CA THR B 189 -7.25 -28.71 -15.35
C THR B 189 -8.31 -27.63 -15.16
N LEU B 190 -8.19 -26.54 -15.90
CA LEU B 190 -9.13 -25.43 -15.76
C LEU B 190 -10.54 -25.65 -16.30
N GLN B 191 -10.80 -26.81 -16.91
CA GLN B 191 -12.13 -27.07 -17.44
C GLN B 191 -13.16 -26.97 -16.31
N ALA B 192 -12.71 -27.24 -15.08
CA ALA B 192 -13.57 -27.16 -13.89
C ALA B 192 -14.09 -25.75 -13.64
N LEU B 193 -13.42 -24.76 -14.17
CA LEU B 193 -13.84 -23.36 -13.99
C LEU B 193 -14.66 -22.81 -15.15
N GLN B 194 -14.79 -23.60 -16.21
CA GLN B 194 -15.54 -23.15 -17.39
C GLN B 194 -17.03 -22.98 -17.12
N LEU B 195 -17.62 -21.95 -17.72
CA LEU B 195 -19.04 -21.70 -17.55
C LEU B 195 -19.46 -21.53 -16.10
N LYS B 196 -18.60 -20.90 -15.30
CA LYS B 196 -18.89 -20.64 -13.90
C LYS B 196 -19.24 -19.17 -13.76
N GLY B 197 -19.10 -18.45 -14.87
CA GLY B 197 -19.40 -17.03 -14.88
C GLY B 197 -18.37 -16.12 -14.22
N LEU B 198 -17.16 -16.63 -14.03
CA LEU B 198 -16.09 -15.85 -13.40
C LEU B 198 -15.55 -14.75 -14.32
N ASP B 199 -15.39 -13.55 -13.78
CA ASP B 199 -14.85 -12.44 -14.57
C ASP B 199 -13.47 -12.09 -14.01
N THR B 200 -13.07 -12.82 -12.97
CA THR B 200 -11.80 -12.60 -12.30
C THR B 200 -11.20 -13.93 -11.80
N LEU B 201 -9.91 -14.13 -12.06
CA LEU B 201 -9.24 -15.35 -11.61
C LEU B 201 -7.92 -15.00 -10.94
N ILE B 202 -7.78 -15.37 -9.67
CA ILE B 202 -6.54 -15.09 -8.97
C ILE B 202 -5.53 -16.20 -9.23
N LEU B 203 -4.33 -15.81 -9.64
CA LEU B 203 -3.27 -16.78 -9.86
C LEU B 203 -2.69 -16.90 -8.45
N GLY B 204 -3.25 -17.83 -7.68
CA GLY B 204 -2.87 -18.02 -6.29
C GLY B 204 -1.67 -18.88 -5.96
N CYS B 205 -0.79 -19.04 -6.95
CA CYS B 205 0.45 -19.78 -6.80
C CYS B 205 1.46 -18.95 -7.56
N THR B 206 2.57 -18.58 -6.93
CA THR B 206 3.54 -17.73 -7.61
C THR B 206 4.15 -18.35 -8.89
N HIS B 207 4.01 -19.66 -9.07
CA HIS B 207 4.52 -20.29 -10.29
C HIS B 207 3.58 -20.02 -11.48
N TYR B 208 2.31 -19.82 -11.18
CA TYR B 208 1.31 -19.64 -12.23
C TYR B 208 1.45 -18.51 -13.25
N PRO B 209 1.97 -17.34 -12.83
CA PRO B 209 2.13 -16.26 -13.81
C PRO B 209 3.04 -16.69 -14.97
N LEU B 210 3.87 -17.70 -14.74
CA LEU B 210 4.75 -18.18 -15.81
C LEU B 210 3.91 -18.88 -16.87
N LEU B 211 2.68 -19.25 -16.49
CA LEU B 211 1.74 -19.91 -17.41
C LEU B 211 0.61 -18.96 -17.81
N ARG B 212 0.76 -17.68 -17.49
CA ARG B 212 -0.28 -16.69 -17.77
C ARG B 212 -0.92 -16.67 -19.16
N PRO B 213 -0.12 -16.59 -20.23
CA PRO B 213 -0.73 -16.56 -21.57
C PRO B 213 -1.60 -17.76 -21.88
N VAL B 214 -1.21 -18.93 -21.36
CA VAL B 214 -1.98 -20.15 -21.57
C VAL B 214 -3.25 -20.07 -20.74
N ILE B 215 -3.10 -19.68 -19.48
CA ILE B 215 -4.24 -19.55 -18.59
C ILE B 215 -5.22 -18.52 -19.14
N GLN B 216 -4.70 -17.41 -19.64
CA GLN B 216 -5.54 -16.37 -20.19
C GLN B 216 -6.34 -16.89 -21.40
N ASN B 217 -5.67 -17.64 -22.27
CA ASN B 217 -6.32 -18.21 -23.45
C ASN B 217 -7.42 -19.19 -23.07
N VAL B 218 -7.17 -20.03 -22.06
CA VAL B 218 -8.15 -21.02 -21.62
C VAL B 218 -9.34 -20.31 -20.99
N MET B 219 -9.07 -19.34 -20.12
CA MET B 219 -10.14 -18.55 -19.54
C MET B 219 -10.34 -17.57 -20.70
N GLY B 220 -11.30 -16.68 -20.63
CA GLY B 220 -11.45 -15.78 -21.77
C GLY B 220 -10.61 -14.52 -21.65
N SER B 221 -10.55 -13.75 -22.75
CA SER B 221 -9.83 -12.48 -22.75
C SER B 221 -10.68 -11.54 -21.91
N HIS B 222 -11.86 -12.00 -21.54
CA HIS B 222 -12.77 -11.19 -20.72
C HIS B 222 -12.51 -11.39 -19.24
N VAL B 223 -11.74 -12.41 -18.89
CA VAL B 223 -11.42 -12.69 -17.49
C VAL B 223 -10.13 -11.98 -17.05
N THR B 224 -10.24 -11.17 -16.00
CA THR B 224 -9.07 -10.47 -15.51
C THR B 224 -8.27 -11.39 -14.61
N LEU B 225 -7.01 -11.59 -14.95
CA LEU B 225 -6.13 -12.43 -14.17
C LEU B 225 -5.43 -11.59 -13.10
N ILE B 226 -5.36 -12.12 -11.89
CA ILE B 226 -4.72 -11.40 -10.79
C ILE B 226 -3.43 -12.12 -10.40
N ASP B 227 -2.31 -11.41 -10.55
CA ASP B 227 -0.98 -11.93 -10.21
C ASP B 227 -0.71 -11.44 -8.78
N SER B 228 -0.99 -12.30 -7.80
CA SER B 228 -0.82 -11.94 -6.40
C SER B 228 0.61 -11.51 -6.07
N GLY B 229 1.59 -12.27 -6.56
CA GLY B 229 2.97 -11.93 -6.32
C GLY B 229 3.31 -10.52 -6.77
N ALA B 230 2.87 -10.16 -7.97
CA ALA B 230 3.15 -8.84 -8.52
C ALA B 230 2.47 -7.75 -7.70
N GLU B 231 1.23 -8.01 -7.29
CA GLU B 231 0.44 -7.07 -6.50
C GLU B 231 1.11 -6.75 -5.16
N THR B 232 1.85 -7.73 -4.64
CA THR B 232 2.55 -7.58 -3.36
C THR B 232 3.64 -6.50 -3.40
N VAL B 233 4.23 -6.28 -4.56
CA VAL B 233 5.30 -5.29 -4.68
C VAL B 233 4.83 -3.88 -4.29
N GLY B 234 3.58 -3.56 -4.60
CA GLY B 234 3.05 -2.26 -4.25
C GLY B 234 3.06 -2.11 -2.72
N GLU B 235 2.71 -3.18 -2.03
CA GLU B 235 2.71 -3.16 -0.58
C GLU B 235 4.14 -3.05 -0.08
N VAL B 236 5.05 -3.83 -0.67
CA VAL B 236 6.44 -3.75 -0.25
C VAL B 236 6.91 -2.30 -0.34
N SER B 237 6.58 -1.63 -1.44
CA SER B 237 6.97 -0.24 -1.64
C SER B 237 6.49 0.69 -0.53
N MET B 238 5.25 0.55 -0.11
CA MET B 238 4.73 1.41 0.93
C MET B 238 5.29 1.02 2.30
N LEU B 239 5.60 -0.26 2.49
CA LEU B 239 6.16 -0.73 3.76
C LEU B 239 7.57 -0.19 3.96
N LEU B 240 8.31 -0.04 2.86
CA LEU B 240 9.66 0.50 2.93
C LEU B 240 9.56 1.92 3.48
N ASP B 241 8.50 2.64 3.10
CA ASP B 241 8.27 4.01 3.56
C ASP B 241 7.74 4.05 4.98
N TYR B 242 6.77 3.18 5.27
CA TYR B 242 6.19 3.13 6.61
C TYR B 242 7.27 2.82 7.65
N PHE B 243 8.09 1.81 7.37
CA PHE B 243 9.14 1.43 8.30
C PHE B 243 10.41 2.23 8.07
N ASP B 244 10.37 3.12 7.09
CA ASP B 244 11.50 3.99 6.77
C ASP B 244 12.80 3.22 6.66
N ILE B 245 12.84 2.27 5.73
CA ILE B 245 14.02 1.44 5.50
C ILE B 245 14.28 1.26 4.02
N ALA B 246 13.87 2.24 3.22
CA ALA B 246 14.09 2.17 1.78
C ALA B 246 15.55 2.44 1.45
N HIS B 247 16.06 1.73 0.45
CA HIS B 247 17.42 1.90 -0.02
C HIS B 247 17.58 3.33 -0.56
N THR B 248 18.82 3.82 -0.61
CA THR B 248 19.06 5.15 -1.16
C THR B 248 18.61 5.05 -2.63
N PRO B 249 18.20 6.17 -3.24
CA PRO B 249 17.76 6.18 -4.64
C PRO B 249 18.89 6.08 -5.66
N GLU B 250 19.66 5.00 -5.57
CA GLU B 250 20.77 4.75 -6.47
C GLU B 250 20.98 3.25 -6.56
N ALA B 251 21.48 2.77 -7.69
CA ALA B 251 21.72 1.35 -7.88
C ALA B 251 22.59 0.84 -6.73
N PRO B 252 22.19 -0.29 -6.11
CA PRO B 252 23.02 -0.79 -5.01
C PRO B 252 24.44 -1.12 -5.46
N THR B 253 25.37 -1.18 -4.51
CA THR B 253 26.75 -1.48 -4.84
C THR B 253 27.03 -2.97 -4.89
N GLN B 254 26.05 -3.77 -4.51
CA GLN B 254 26.19 -5.22 -4.55
C GLN B 254 25.07 -5.73 -5.43
N PRO B 255 25.34 -6.71 -6.30
CA PRO B 255 24.34 -7.28 -7.19
C PRO B 255 23.30 -8.13 -6.47
N HIS B 256 22.23 -8.46 -7.19
CA HIS B 256 21.19 -9.31 -6.61
C HIS B 256 21.81 -10.69 -6.47
N GLU B 257 21.26 -11.50 -5.56
CA GLU B 257 21.78 -12.85 -5.35
C GLU B 257 20.67 -13.87 -5.48
N PHE B 258 20.96 -14.97 -6.15
CA PHE B 258 20.00 -16.03 -6.34
C PHE B 258 20.54 -17.35 -5.79
N TYR B 259 19.74 -17.99 -4.95
CA TYR B 259 20.11 -19.27 -4.36
C TYR B 259 19.05 -20.31 -4.62
N THR B 260 19.48 -21.57 -4.69
CA THR B 260 18.57 -22.69 -4.92
C THR B 260 19.17 -23.95 -4.29
N THR B 261 18.31 -24.81 -3.75
CA THR B 261 18.77 -26.06 -3.14
C THR B 261 18.89 -27.12 -4.24
N GLY B 262 18.47 -26.74 -5.44
CA GLY B 262 18.55 -27.66 -6.56
C GLY B 262 19.65 -27.25 -7.51
N SER B 263 19.60 -27.78 -8.73
CA SER B 263 20.58 -27.48 -9.75
C SER B 263 20.62 -25.99 -10.07
N ALA B 264 21.82 -25.41 -10.03
CA ALA B 264 22.01 -23.99 -10.32
C ALA B 264 21.75 -23.79 -11.80
N LYS B 265 22.28 -24.69 -12.61
CA LYS B 265 22.15 -24.65 -14.05
C LYS B 265 20.68 -24.64 -14.48
N MET B 266 19.88 -25.49 -13.84
CA MET B 266 18.47 -25.56 -14.17
C MET B 266 17.77 -24.27 -13.75
N PHE B 267 18.13 -23.77 -12.57
CA PHE B 267 17.54 -22.53 -12.06
C PHE B 267 17.88 -21.33 -12.94
N GLU B 268 19.15 -21.21 -13.33
CA GLU B 268 19.57 -20.08 -14.16
C GLU B 268 18.91 -20.11 -15.53
N GLU B 269 18.68 -21.30 -16.05
CA GLU B 269 18.04 -21.45 -17.36
C GLU B 269 16.65 -20.80 -17.32
N ILE B 270 15.90 -21.08 -16.27
CA ILE B 270 14.56 -20.51 -16.15
C ILE B 270 14.61 -19.04 -15.76
N ALA B 271 15.37 -18.73 -14.71
CA ALA B 271 15.50 -17.37 -14.22
C ALA B 271 15.96 -16.37 -15.27
N SER B 272 17.05 -16.68 -15.97
CA SER B 272 17.58 -15.78 -16.99
C SER B 272 16.55 -15.50 -18.08
N SER B 273 15.78 -16.51 -18.45
CA SER B 273 14.76 -16.34 -19.49
C SER B 273 13.57 -15.53 -18.98
N TRP B 274 13.06 -15.88 -17.81
CA TRP B 274 11.90 -15.18 -17.27
C TRP B 274 12.17 -13.72 -16.91
N LEU B 275 13.34 -13.44 -16.34
CA LEU B 275 13.69 -12.09 -15.94
C LEU B 275 14.34 -11.30 -17.08
N GLY B 276 14.75 -12.00 -18.13
CA GLY B 276 15.38 -11.30 -19.24
C GLY B 276 16.74 -10.79 -18.79
N ILE B 277 17.41 -11.59 -17.98
CA ILE B 277 18.74 -11.26 -17.46
C ILE B 277 19.70 -12.32 -17.99
N GLU B 278 20.40 -12.01 -19.07
CA GLU B 278 21.32 -12.96 -19.66
C GLU B 278 22.51 -13.25 -18.74
N ASN B 279 22.89 -14.52 -18.68
CA ASN B 279 24.01 -14.95 -17.85
C ASN B 279 23.76 -14.82 -16.35
N LEU B 280 22.49 -14.79 -15.95
CA LEU B 280 22.18 -14.70 -14.52
C LEU B 280 22.82 -15.92 -13.89
N LYS B 281 23.35 -15.76 -12.69
CA LYS B 281 24.00 -16.88 -12.01
C LYS B 281 23.41 -17.15 -10.64
N ALA B 282 23.24 -18.43 -10.32
CA ALA B 282 22.71 -18.82 -9.04
C ALA B 282 23.70 -19.71 -8.31
N GLN B 283 23.51 -19.84 -7.00
CA GLN B 283 24.36 -20.65 -6.15
C GLN B 283 23.55 -21.78 -5.54
N GLN B 284 24.01 -23.02 -5.69
CA GLN B 284 23.30 -24.13 -5.08
C GLN B 284 23.75 -24.21 -3.64
N ILE B 285 22.81 -24.25 -2.71
CA ILE B 285 23.14 -24.33 -1.29
C ILE B 285 22.33 -25.43 -0.64
N HIS B 286 22.61 -25.69 0.63
CA HIS B 286 21.92 -26.73 1.39
C HIS B 286 21.09 -26.19 2.56
N LEU B 287 19.90 -26.77 2.75
CA LEU B 287 19.01 -26.38 3.83
C LEU B 287 18.66 -27.60 4.68
N GLY B 288 18.63 -27.43 6.00
CA GLY B 288 18.31 -28.55 6.87
C GLY B 288 18.73 -28.36 8.33
N GLY B 289 18.51 -29.28 9.13
#